data_3TLO
#
_entry.id   3TLO
#
_cell.length_a   63.144
_cell.length_b   83.497
_cell.length_c   64.852
_cell.angle_alpha   90.00
_cell.angle_beta   109.20
_cell.angle_gamma   90.00
#
_symmetry.space_group_name_H-M   'P 1 21 1'
#
loop_
_entity.id
_entity.type
_entity.pdbx_description
1 polymer '3C-like proteinase'
2 non-polymer GLYCEROL
3 non-polymer DI(HYDROXYETHYL)ETHER
4 water water
#
_entity_poly.entity_id   1
_entity_poly.type   'polypeptide(L)'
_entity_poly.pdbx_seq_one_letter_code
;SGLKKMAQPSGCVERCVVRVCYGSTVLNGVWLGDTVTCPRHVIAPSTTVLIDYDHAYSTMRLHNFSVSHNGVFLGVVGVT
MHGSVLRIKVSQSNVHTPKHVFKTLKPGDSFNILACYEGIASGVFGVNLRTNFTIKGSFINGACGSPGYNVRNDGTVEFC
YLHQIELGSGAHVGSDFTGSVYGNFDDQPSLQVESANLMLSDNVVAFLYAALLNGCRWWLCSTRVNVDGFNEWAMANGYT
SVSSVECYSILAAKTGVSVEQLLASIQHLHEGFGGKNILGYSSLCDEFTLAEVVKQMYGVNLQ
;
_entity_poly.pdbx_strand_id   A,B
#
loop_
_chem_comp.id
_chem_comp.type
_chem_comp.name
_chem_comp.formula
GOL non-polymer GLYCEROL 'C3 H8 O3'
PEG non-polymer DI(HYDROXYETHYL)ETHER 'C4 H10 O3'
#
# COMPACT_ATOMS: atom_id res chain seq x y z
N SER A 1 -4.91 15.34 5.59
CA SER A 1 -5.90 14.91 4.62
C SER A 1 -5.33 13.91 3.63
N GLY A 2 -6.17 13.45 2.73
CA GLY A 2 -5.78 12.41 1.78
C GLY A 2 -6.45 11.10 2.13
N LEU A 3 -6.66 10.28 1.10
CA LEU A 3 -7.25 8.96 1.26
C LEU A 3 -6.48 8.05 0.34
N LYS A 4 -5.75 7.11 0.93
CA LYS A 4 -4.84 6.27 0.14
C LYS A 4 -4.95 4.85 0.68
N LYS A 5 -5.05 3.86 -0.21
CA LYS A 5 -5.12 2.49 0.26
C LYS A 5 -3.74 2.15 0.78
N MET A 6 -3.65 1.82 2.06
CA MET A 6 -2.36 1.51 2.61
C MET A 6 -2.40 0.17 3.32
N ALA A 7 -1.24 -0.31 3.68
CA ALA A 7 -1.12 -1.53 4.46
C ALA A 7 -0.76 -1.18 5.89
N GLN A 8 -1.22 -1.99 6.83
CA GLN A 8 -0.70 -1.88 8.19
C GLN A 8 0.74 -2.38 8.17
N PRO A 9 1.58 -1.87 9.08
CA PRO A 9 3.01 -2.20 9.01
C PRO A 9 3.26 -3.69 9.02
N SER A 10 4.29 -4.14 8.31
CA SER A 10 4.51 -5.56 8.07
C SER A 10 5.56 -6.24 8.96
N GLY A 11 6.27 -5.45 9.76
CA GLY A 11 7.38 -5.98 10.54
C GLY A 11 7.09 -7.26 11.29
N CYS A 12 6.00 -7.27 12.06
CA CYS A 12 5.75 -8.42 12.93
C CYS A 12 5.40 -9.67 12.12
N VAL A 13 4.94 -9.49 10.89
CA VAL A 13 4.60 -10.62 10.03
C VAL A 13 5.83 -11.09 9.26
N GLU A 14 6.67 -10.15 8.83
CA GLU A 14 7.94 -10.53 8.19
C GLU A 14 8.73 -11.52 9.05
N ARG A 15 8.71 -11.29 10.37
CA ARG A 15 9.48 -12.11 11.29
C ARG A 15 8.95 -13.54 11.42
N CYS A 16 7.80 -13.79 10.79
CA CYS A 16 7.18 -15.12 10.79
C CYS A 16 7.25 -15.83 9.44
N VAL A 17 7.65 -15.14 8.39
CA VAL A 17 7.68 -15.76 7.09
C VAL A 17 8.89 -16.67 6.95
N VAL A 18 8.65 -17.86 6.41
CA VAL A 18 9.72 -18.81 6.17
C VAL A 18 9.67 -19.32 4.75
N ARG A 19 10.82 -19.82 4.30
CA ARG A 19 10.93 -20.53 3.04
C ARG A 19 10.68 -22.00 3.29
N VAL A 20 9.75 -22.59 2.55
CA VAL A 20 9.47 -24.02 2.67
C VAL A 20 9.75 -24.71 1.35
N CYS A 21 10.60 -25.74 1.40
CA CYS A 21 10.98 -26.48 0.20
CA CYS A 21 11.00 -26.50 0.21
C CYS A 21 10.71 -27.96 0.42
N TYR A 22 10.19 -28.59 -0.62
CA TYR A 22 10.04 -30.05 -0.62
C TYR A 22 10.52 -30.51 -1.99
N GLY A 23 11.56 -31.34 -2.02
CA GLY A 23 12.21 -31.64 -3.29
C GLY A 23 12.67 -30.34 -3.92
N SER A 24 12.26 -30.10 -5.17
CA SER A 24 12.62 -28.86 -5.88
C SER A 24 11.59 -27.74 -5.75
N THR A 25 10.45 -28.04 -5.15
CA THR A 25 9.35 -27.08 -5.06
C THR A 25 9.54 -26.15 -3.87
N VAL A 26 9.45 -24.85 -4.13
CA VAL A 26 9.66 -23.87 -3.07
C VAL A 26 8.46 -22.94 -3.00
N LEU A 27 8.04 -22.64 -1.77
CA LEU A 27 7.02 -21.62 -1.56
C LEU A 27 7.19 -21.00 -0.16
N ASN A 28 6.19 -20.23 0.28
CA ASN A 28 6.29 -19.55 1.55
C ASN A 28 5.41 -20.18 2.60
N GLY A 29 5.85 -20.06 3.86
CA GLY A 29 5.07 -20.51 5.00
C GLY A 29 5.08 -19.47 6.11
N VAL A 30 4.26 -19.72 7.12
CA VAL A 30 4.15 -18.81 8.26
C VAL A 30 4.44 -19.58 9.55
N TRP A 31 5.45 -19.11 10.27
CA TRP A 31 5.97 -19.79 11.45
C TRP A 31 5.45 -19.10 12.70
N LEU A 32 4.58 -19.79 13.43
CA LEU A 32 3.99 -19.27 14.65
C LEU A 32 4.14 -20.32 15.74
N GLY A 33 4.73 -19.95 16.87
CA GLY A 33 5.04 -20.95 17.88
C GLY A 33 5.92 -22.01 17.25
N ASP A 34 5.61 -23.28 17.46
CA ASP A 34 6.41 -24.35 16.87
C ASP A 34 5.80 -24.95 15.59
N THR A 35 4.97 -24.17 14.89
CA THR A 35 4.27 -24.69 13.74
C THR A 35 4.44 -23.79 12.54
N VAL A 36 4.73 -24.39 11.39
CA VAL A 36 4.75 -23.65 10.13
C VAL A 36 3.54 -24.08 9.32
N THR A 37 2.76 -23.10 8.87
CA THR A 37 1.63 -23.38 8.01
C THR A 37 1.97 -22.97 6.59
N CYS A 38 1.71 -23.83 5.62
CA CYS A 38 1.94 -23.46 4.22
C CYS A 38 0.99 -24.19 3.31
N PRO A 39 0.83 -23.71 2.07
CA PRO A 39 -0.02 -24.45 1.14
C PRO A 39 0.52 -25.85 0.84
N ARG A 40 -0.40 -26.81 0.71
CA ARG A 40 0.00 -28.19 0.45
C ARG A 40 0.59 -28.41 -0.93
N HIS A 41 0.42 -27.45 -1.83
CA HIS A 41 1.07 -27.49 -3.15
C HIS A 41 2.55 -27.88 -3.08
N VAL A 42 3.20 -27.57 -1.97
CA VAL A 42 4.64 -27.79 -1.86
C VAL A 42 5.01 -29.27 -1.98
N ILE A 43 4.09 -30.17 -1.65
CA ILE A 43 4.39 -31.61 -1.79
C ILE A 43 3.85 -32.23 -3.08
N ALA A 44 3.30 -31.41 -3.98
CA ALA A 44 2.77 -31.95 -5.23
C ALA A 44 3.89 -32.50 -6.11
N PRO A 45 3.66 -33.64 -6.76
CA PRO A 45 4.66 -34.13 -7.72
C PRO A 45 4.67 -33.23 -8.95
N SER A 46 5.76 -33.25 -9.70
CA SER A 46 5.79 -32.57 -10.98
C SER A 46 5.00 -33.37 -12.00
N THR A 47 3.96 -32.74 -12.55
CA THR A 47 3.07 -33.36 -13.52
C THR A 47 2.16 -32.28 -14.07
N THR A 48 1.39 -32.62 -15.10
CA THR A 48 0.38 -31.69 -15.61
C THR A 48 -1.01 -32.26 -15.32
N VAL A 49 -1.03 -33.54 -14.98
CA VAL A 49 -2.26 -34.25 -14.64
C VAL A 49 -2.79 -33.84 -13.25
N LEU A 50 -4.04 -34.21 -12.96
CA LEU A 50 -4.66 -33.90 -11.67
C LEU A 50 -3.83 -34.45 -10.52
N ILE A 51 -3.59 -33.60 -9.51
CA ILE A 51 -2.87 -34.04 -8.34
C ILE A 51 -3.81 -34.73 -7.36
N ASP A 52 -3.39 -35.91 -6.90
CA ASP A 52 -4.08 -36.64 -5.84
C ASP A 52 -3.31 -36.35 -4.55
N TYR A 53 -3.79 -35.40 -3.77
CA TYR A 53 -3.03 -34.95 -2.60
C TYR A 53 -3.00 -35.98 -1.49
N ASP A 54 -4.02 -36.82 -1.40
CA ASP A 54 -4.00 -37.88 -0.40
C ASP A 54 -2.84 -38.84 -0.68
N HIS A 55 -2.60 -39.13 -1.96
CA HIS A 55 -1.50 -40.00 -2.33
C HIS A 55 -0.16 -39.30 -2.11
N ALA A 56 -0.11 -38.00 -2.42
CA ALA A 56 1.11 -37.23 -2.22
C ALA A 56 1.46 -37.19 -0.74
N TYR A 57 0.44 -37.04 0.11
CA TYR A 57 0.67 -37.00 1.54
C TYR A 57 1.16 -38.35 2.07
N SER A 58 0.60 -39.43 1.54
CA SER A 58 0.95 -40.76 2.04
C SER A 58 2.37 -41.17 1.63
N THR A 59 2.86 -40.64 0.52
CA THR A 59 4.20 -40.95 0.04
C THR A 59 5.23 -39.93 0.52
N MET A 60 4.76 -38.90 1.20
CA MET A 60 5.61 -37.86 1.74
C MET A 60 6.69 -38.43 2.67
N ARG A 61 7.89 -37.88 2.59
CA ARG A 61 8.96 -38.24 3.53
C ARG A 61 9.54 -36.98 4.14
N LEU A 62 9.65 -36.97 5.46
CA LEU A 62 10.03 -35.75 6.17
C LEU A 62 11.38 -35.21 5.76
N HIS A 63 12.31 -36.10 5.43
CA HIS A 63 13.66 -35.67 5.10
C HIS A 63 13.74 -34.81 3.83
N ASN A 64 12.70 -34.88 2.99
CA ASN A 64 12.68 -34.07 1.76
C ASN A 64 12.35 -32.59 2.02
N PHE A 65 11.88 -32.27 3.23
CA PHE A 65 11.57 -30.87 3.57
C PHE A 65 12.82 -30.11 3.97
N SER A 66 12.85 -28.83 3.63
CA SER A 66 13.77 -27.89 4.25
C SER A 66 12.95 -26.65 4.54
N VAL A 67 13.08 -26.13 5.76
CA VAL A 67 12.35 -24.95 6.18
C VAL A 67 13.37 -23.99 6.76
N SER A 68 13.31 -22.73 6.37
CA SER A 68 14.31 -21.78 6.85
C SER A 68 13.72 -20.39 7.06
N HIS A 69 14.27 -19.68 8.03
CA HIS A 69 13.93 -18.27 8.25
C HIS A 69 15.21 -17.47 8.09
N ASN A 70 15.20 -16.53 7.15
CA ASN A 70 16.39 -15.72 6.88
C ASN A 70 17.65 -16.57 6.70
N GLY A 71 17.49 -17.70 6.01
CA GLY A 71 18.62 -18.57 5.72
C GLY A 71 18.98 -19.56 6.82
N VAL A 72 18.31 -19.47 7.96
CA VAL A 72 18.58 -20.39 9.07
C VAL A 72 17.57 -21.53 9.06
N PHE A 73 18.07 -22.75 8.92
CA PHE A 73 17.20 -23.89 8.75
C PHE A 73 16.63 -24.45 10.05
N LEU A 74 15.38 -24.90 9.99
CA LEU A 74 14.66 -25.42 11.15
C LEU A 74 14.44 -26.91 11.01
N GLY A 75 14.48 -27.62 12.13
CA GLY A 75 14.23 -29.05 12.10
C GLY A 75 12.77 -29.39 11.92
N VAL A 76 12.46 -30.31 11.02
CA VAL A 76 11.09 -30.73 10.80
C VAL A 76 10.78 -31.97 11.63
N VAL A 77 9.78 -31.86 12.50
CA VAL A 77 9.40 -32.94 13.40
C VAL A 77 8.27 -33.81 12.87
N GLY A 78 7.27 -33.18 12.25
CA GLY A 78 6.12 -33.90 11.76
C GLY A 78 5.32 -33.00 10.86
N VAL A 79 4.46 -33.59 10.04
CA VAL A 79 3.63 -32.85 9.11
C VAL A 79 2.24 -33.45 9.03
N THR A 80 1.22 -32.59 9.15
CA THR A 80 -0.14 -33.05 8.90
C THR A 80 -0.79 -32.16 7.84
N MET A 81 -1.84 -32.69 7.22
CA MET A 81 -2.52 -31.98 6.14
C MET A 81 -3.94 -31.63 6.56
N HIS A 82 -4.31 -30.37 6.35
CA HIS A 82 -5.62 -29.88 6.71
C HIS A 82 -6.16 -29.08 5.54
N GLY A 83 -7.15 -29.64 4.85
CA GLY A 83 -7.64 -28.99 3.65
C GLY A 83 -6.52 -28.69 2.68
N SER A 84 -6.36 -27.43 2.31
CA SER A 84 -5.35 -27.03 1.34
C SER A 84 -4.02 -26.57 1.96
N VAL A 85 -3.82 -26.81 3.25
CA VAL A 85 -2.56 -26.44 3.89
C VAL A 85 -1.89 -27.61 4.60
N LEU A 86 -0.61 -27.43 4.88
CA LEU A 86 0.14 -28.36 5.71
C LEU A 86 0.42 -27.64 7.02
N ARG A 87 0.41 -28.38 8.13
CA ARG A 87 0.95 -27.88 9.38
C ARG A 87 2.23 -28.63 9.67
N ILE A 88 3.34 -27.92 9.59
CA ILE A 88 4.66 -28.52 9.78
C ILE A 88 5.14 -28.19 11.18
N LYS A 89 5.21 -29.20 12.03
CA LYS A 89 5.77 -29.00 13.36
C LYS A 89 7.27 -28.92 13.24
N VAL A 90 7.85 -27.86 13.78
CA VAL A 90 9.29 -27.68 13.72
C VAL A 90 9.87 -27.80 15.13
N SER A 91 11.19 -27.93 15.21
CA SER A 91 11.78 -28.36 16.47
C SER A 91 12.12 -27.20 17.41
N GLN A 92 11.75 -25.97 17.05
CA GLN A 92 11.87 -24.86 17.98
C GLN A 92 10.78 -23.84 17.69
N SER A 93 10.40 -23.06 18.70
CA SER A 93 9.35 -22.06 18.54
C SER A 93 9.93 -20.75 18.03
N ASN A 94 9.14 -20.05 17.24
CA ASN A 94 9.51 -18.70 16.81
C ASN A 94 9.45 -17.73 17.99
N VAL A 95 10.59 -17.24 18.44
CA VAL A 95 10.62 -16.35 19.60
C VAL A 95 10.04 -14.99 19.27
N HIS A 96 9.79 -14.71 18.00
CA HIS A 96 9.18 -13.45 17.60
C HIS A 96 7.74 -13.62 17.13
N THR A 97 7.07 -14.66 17.63
CA THR A 97 5.66 -14.86 17.35
C THR A 97 4.86 -13.74 17.99
N PRO A 98 4.11 -12.97 17.18
CA PRO A 98 3.27 -11.92 17.75
C PRO A 98 2.02 -12.49 18.43
N LYS A 99 1.47 -11.73 19.38
CA LYS A 99 0.14 -12.06 19.89
C LYS A 99 -0.77 -12.15 18.67
N HIS A 100 -1.53 -13.23 18.56
CA HIS A 100 -2.25 -13.46 17.32
C HIS A 100 -3.44 -14.38 17.50
N VAL A 101 -4.32 -14.33 16.52
CA VAL A 101 -5.42 -15.26 16.38
C VAL A 101 -5.57 -15.60 14.90
N PHE A 102 -6.43 -16.56 14.62
CA PHE A 102 -6.75 -16.89 13.24
C PHE A 102 -8.18 -16.46 12.98
N LYS A 103 -8.40 -15.80 11.85
CA LYS A 103 -9.74 -15.36 11.49
C LYS A 103 -10.04 -15.67 10.04
N THR A 104 -11.26 -16.12 9.79
CA THR A 104 -11.71 -16.35 8.44
C THR A 104 -12.43 -15.09 7.96
N LEU A 105 -11.94 -14.54 6.85
CA LEU A 105 -12.50 -13.30 6.30
C LEU A 105 -13.89 -13.56 5.75
N LYS A 106 -14.70 -12.50 5.70
CA LYS A 106 -15.95 -12.50 4.95
C LYS A 106 -15.85 -11.46 3.83
N PRO A 107 -16.64 -11.64 2.77
CA PRO A 107 -16.64 -10.63 1.69
C PRO A 107 -16.87 -9.26 2.26
N GLY A 108 -16.12 -8.28 1.76
CA GLY A 108 -16.22 -6.94 2.27
C GLY A 108 -15.15 -6.61 3.31
N ASP A 109 -14.46 -7.64 3.81
CA ASP A 109 -13.41 -7.39 4.79
C ASP A 109 -12.14 -6.88 4.10
N SER A 110 -11.51 -5.87 4.68
CA SER A 110 -10.21 -5.41 4.23
C SER A 110 -9.14 -6.20 4.97
N PHE A 111 -8.00 -6.41 4.33
CA PHE A 111 -6.86 -7.02 5.00
C PHE A 111 -5.57 -6.64 4.28
N ASN A 112 -4.43 -7.09 4.78
CA ASN A 112 -3.15 -6.74 4.20
C ASN A 112 -2.51 -7.99 3.63
N ILE A 113 -1.89 -7.87 2.46
CA ILE A 113 -1.14 -8.99 1.89
C ILE A 113 0.34 -8.66 1.94
N LEU A 114 1.14 -9.60 2.45
CA LEU A 114 2.60 -9.47 2.36
C LEU A 114 3.05 -10.42 1.26
N ALA A 115 3.36 -9.89 0.08
CA ALA A 115 3.81 -10.72 -1.03
C ALA A 115 5.24 -11.17 -0.77
N CYS A 116 5.45 -12.48 -0.80
CA CYS A 116 6.74 -13.09 -0.49
C CYS A 116 7.21 -14.05 -1.55
N TYR A 117 8.53 -14.16 -1.69
CA TYR A 117 9.14 -15.08 -2.65
C TYR A 117 10.34 -15.71 -1.95
N GLU A 118 10.40 -17.04 -2.00
CA GLU A 118 11.48 -17.79 -1.35
C GLU A 118 11.62 -17.42 0.13
N GLY A 119 10.50 -17.13 0.77
CA GLY A 119 10.48 -16.84 2.19
C GLY A 119 10.93 -15.43 2.55
N ILE A 120 11.02 -14.55 1.55
CA ILE A 120 11.42 -13.16 1.80
C ILE A 120 10.37 -12.20 1.24
N ALA A 121 9.88 -11.30 2.07
CA ALA A 121 8.84 -10.37 1.64
C ALA A 121 9.38 -9.38 0.60
N SER A 122 8.56 -9.10 -0.40
CA SER A 122 8.91 -8.12 -1.42
C SER A 122 8.00 -6.90 -1.47
N GLY A 123 6.76 -7.05 -1.00
CA GLY A 123 5.82 -5.95 -1.07
C GLY A 123 4.67 -6.15 -0.13
N VAL A 124 3.99 -5.06 0.24
CA VAL A 124 2.86 -5.16 1.13
C VAL A 124 1.80 -4.20 0.66
N PHE A 125 0.55 -4.62 0.68
CA PHE A 125 -0.54 -3.80 0.16
C PHE A 125 -1.87 -4.18 0.81
N GLY A 126 -2.76 -3.20 0.87
CA GLY A 126 -4.11 -3.44 1.36
C GLY A 126 -5.02 -3.94 0.25
N VAL A 127 -5.95 -4.82 0.61
CA VAL A 127 -6.84 -5.42 -0.37
C VAL A 127 -8.18 -5.73 0.30
N ASN A 128 -9.23 -5.88 -0.49
CA ASN A 128 -10.53 -6.25 0.03
C ASN A 128 -10.95 -7.62 -0.47
N LEU A 129 -11.51 -8.45 0.40
CA LEU A 129 -12.10 -9.70 -0.09
C LEU A 129 -13.40 -9.40 -0.83
N ARG A 130 -13.46 -9.81 -2.08
CA ARG A 130 -14.61 -9.51 -2.92
C ARG A 130 -15.77 -10.45 -2.64
N THR A 131 -16.93 -10.09 -3.17
CA THR A 131 -18.14 -10.90 -2.99
C THR A 131 -18.00 -12.25 -3.65
N ASN A 132 -17.07 -12.36 -4.60
CA ASN A 132 -16.84 -13.64 -5.28
C ASN A 132 -15.72 -14.44 -4.63
N PHE A 133 -15.30 -13.99 -3.46
CA PHE A 133 -14.32 -14.68 -2.61
C PHE A 133 -12.91 -14.69 -3.17
N THR A 134 -12.65 -13.80 -4.12
CA THR A 134 -11.30 -13.61 -4.64
C THR A 134 -10.78 -12.22 -4.31
N ILE A 135 -9.49 -12.02 -4.51
CA ILE A 135 -8.91 -10.69 -4.43
C ILE A 135 -8.21 -10.34 -5.74
N LYS A 136 -7.95 -9.06 -5.91
CA LYS A 136 -7.16 -8.63 -7.04
C LYS A 136 -5.85 -8.09 -6.49
N GLY A 137 -4.84 -8.95 -6.49
CA GLY A 137 -3.53 -8.52 -6.03
C GLY A 137 -2.54 -8.49 -7.18
N SER A 138 -1.29 -8.77 -6.86
CA SER A 138 -0.26 -8.84 -7.88
C SER A 138 0.76 -9.83 -7.40
N PHE A 139 0.82 -10.98 -8.07
CA PHE A 139 1.69 -12.08 -7.67
C PHE A 139 2.30 -12.70 -8.91
N ILE A 140 3.56 -13.11 -8.80
CA ILE A 140 4.16 -13.91 -9.86
C ILE A 140 4.60 -15.26 -9.29
N ASN A 141 5.28 -16.04 -10.11
CA ASN A 141 5.69 -17.37 -9.68
C ASN A 141 6.47 -17.33 -8.37
N GLY A 142 6.07 -18.16 -7.42
CA GLY A 142 6.77 -18.25 -6.15
C GLY A 142 6.01 -17.61 -5.02
N ALA A 143 4.91 -16.93 -5.34
CA ALA A 143 4.14 -16.18 -4.33
C ALA A 143 3.25 -17.07 -3.44
N CYS A 144 3.07 -18.33 -3.82
CA CYS A 144 2.23 -19.23 -3.06
CA CYS A 144 2.22 -19.22 -3.05
C CYS A 144 2.61 -19.22 -1.59
N GLY A 145 1.62 -19.12 -0.70
CA GLY A 145 1.88 -19.06 0.72
C GLY A 145 2.05 -17.65 1.29
N SER A 146 2.06 -16.65 0.42
CA SER A 146 2.11 -15.26 0.88
C SER A 146 0.96 -15.01 1.83
N PRO A 147 1.23 -14.48 3.03
CA PRO A 147 0.17 -14.35 4.02
C PRO A 147 -0.61 -13.05 3.98
N GLY A 148 -1.88 -13.15 4.38
CA GLY A 148 -2.71 -11.98 4.63
C GLY A 148 -2.99 -11.86 6.11
N TYR A 149 -3.08 -10.63 6.60
CA TYR A 149 -3.23 -10.38 8.01
C TYR A 149 -3.99 -9.09 8.23
N ASN A 150 -4.54 -8.96 9.44
CA ASN A 150 -5.01 -7.68 9.94
C ASN A 150 -4.47 -7.47 11.33
N VAL A 151 -4.22 -6.23 11.71
CA VAL A 151 -3.83 -5.96 13.07
C VAL A 151 -5.01 -5.31 13.79
N ARG A 152 -5.53 -5.98 14.82
CA ARG A 152 -6.69 -5.48 15.54
C ARG A 152 -6.35 -4.21 16.28
N ASN A 153 -7.38 -3.47 16.69
CA ASN A 153 -7.18 -2.25 17.45
C ASN A 153 -6.30 -2.47 18.68
N ASP A 154 -6.38 -3.67 19.27
CA ASP A 154 -5.63 -3.96 20.49
C ASP A 154 -4.20 -4.50 20.25
N GLY A 155 -3.81 -4.68 18.99
CA GLY A 155 -2.45 -5.10 18.69
C GLY A 155 -2.33 -6.56 18.25
N THR A 156 -3.40 -7.31 18.46
CA THR A 156 -3.44 -8.72 18.09
C THR A 156 -3.42 -8.87 16.58
N VAL A 157 -2.54 -9.73 16.08
CA VAL A 157 -2.48 -9.98 14.64
C VAL A 157 -3.49 -11.06 14.26
N GLU A 158 -4.39 -10.74 13.33
CA GLU A 158 -5.29 -11.75 12.80
C GLU A 158 -4.69 -12.32 11.53
N PHE A 159 -4.38 -13.63 11.52
CA PHE A 159 -3.91 -14.28 10.31
C PHE A 159 -5.09 -14.87 9.55
N CYS A 160 -5.29 -14.42 8.31
CA CYS A 160 -6.53 -14.69 7.61
CA CYS A 160 -6.54 -14.68 7.60
C CYS A 160 -6.40 -15.27 6.20
N TYR A 161 -5.20 -15.23 5.62
CA TYR A 161 -5.07 -15.62 4.21
C TYR A 161 -3.70 -16.22 3.93
N LEU A 162 -3.69 -17.27 3.10
CA LEU A 162 -2.48 -17.82 2.53
C LEU A 162 -2.69 -17.94 1.04
N HIS A 163 -1.84 -17.29 0.25
CA HIS A 163 -2.09 -17.29 -1.18
C HIS A 163 -1.98 -18.70 -1.76
N GLN A 164 -2.95 -19.08 -2.57
CA GLN A 164 -2.98 -20.43 -3.13
C GLN A 164 -2.78 -20.48 -4.64
N ILE A 165 -3.54 -19.72 -5.40
CA ILE A 165 -3.53 -19.88 -6.85
C ILE A 165 -4.12 -18.67 -7.55
N GLU A 166 -3.76 -18.50 -8.82
CA GLU A 166 -4.38 -17.51 -9.67
C GLU A 166 -5.25 -18.25 -10.68
N LEU A 167 -6.51 -17.83 -10.80
CA LEU A 167 -7.42 -18.46 -11.76
C LEU A 167 -7.08 -18.01 -13.18
N GLY A 168 -7.62 -18.73 -14.16
CA GLY A 168 -7.44 -18.33 -15.55
C GLY A 168 -7.81 -16.88 -15.82
N SER A 169 -8.80 -16.38 -15.08
CA SER A 169 -9.29 -15.02 -15.23
C SER A 169 -8.32 -13.97 -14.68
N GLY A 170 -7.36 -14.43 -13.88
CA GLY A 170 -6.43 -13.53 -13.22
C GLY A 170 -6.79 -13.29 -11.76
N ALA A 171 -7.96 -13.78 -11.35
CA ALA A 171 -8.42 -13.59 -9.97
C ALA A 171 -7.51 -14.37 -9.03
N HIS A 172 -7.27 -13.83 -7.85
CA HIS A 172 -6.40 -14.48 -6.86
C HIS A 172 -7.19 -15.14 -5.75
N VAL A 173 -6.79 -16.38 -5.45
CA VAL A 173 -7.51 -17.22 -4.53
C VAL A 173 -6.57 -17.66 -3.42
N GLY A 174 -7.05 -17.61 -2.18
CA GLY A 174 -6.27 -18.08 -1.04
C GLY A 174 -7.10 -18.94 -0.12
N SER A 175 -6.46 -19.47 0.91
CA SER A 175 -7.18 -20.21 1.94
C SER A 175 -7.03 -19.50 3.27
N ASP A 176 -7.83 -19.89 4.25
CA ASP A 176 -7.51 -19.46 5.60
C ASP A 176 -6.49 -20.42 6.20
N PHE A 177 -6.09 -20.19 7.43
CA PHE A 177 -5.05 -21.01 8.07
C PHE A 177 -5.55 -22.38 8.50
N THR A 178 -6.85 -22.63 8.36
CA THR A 178 -7.41 -23.94 8.62
C THR A 178 -7.37 -24.82 7.37
N GLY A 179 -7.02 -24.22 6.23
CA GLY A 179 -6.98 -24.95 4.98
C GLY A 179 -8.22 -24.82 4.11
N SER A 180 -9.24 -24.09 4.56
CA SER A 180 -10.42 -23.89 3.74
C SER A 180 -10.14 -22.83 2.68
N VAL A 181 -10.34 -23.18 1.42
CA VAL A 181 -10.11 -22.22 0.35
C VAL A 181 -11.29 -21.26 0.26
N TYR A 182 -11.01 -19.95 0.25
CA TYR A 182 -12.09 -18.98 0.14
C TYR A 182 -12.83 -19.24 -1.17
N GLY A 183 -14.16 -19.33 -1.10
CA GLY A 183 -14.97 -19.57 -2.28
C GLY A 183 -15.03 -21.03 -2.73
N ASN A 184 -14.38 -21.92 -1.98
CA ASN A 184 -14.41 -23.35 -2.28
C ASN A 184 -13.76 -23.71 -3.62
N PHE A 185 -12.86 -22.85 -4.09
CA PHE A 185 -12.08 -23.16 -5.28
C PHE A 185 -11.11 -24.31 -5.06
N ASP A 186 -10.72 -24.96 -6.15
CA ASP A 186 -9.71 -26.00 -6.16
C ASP A 186 -8.33 -25.38 -5.99
N ASP A 187 -7.49 -25.96 -5.13
CA ASP A 187 -6.12 -25.46 -4.93
C ASP A 187 -5.13 -26.15 -5.88
N GLN A 188 -5.53 -26.27 -7.14
CA GLN A 188 -4.63 -26.74 -8.19
C GLN A 188 -5.22 -26.27 -9.52
N PRO A 189 -4.39 -26.26 -10.58
CA PRO A 189 -4.88 -25.75 -11.87
C PRO A 189 -6.20 -26.40 -12.31
N SER A 190 -7.09 -25.58 -12.83
CA SER A 190 -8.41 -26.03 -13.23
C SER A 190 -9.02 -24.96 -14.14
N LEU A 191 -10.27 -25.19 -14.57
CA LEU A 191 -10.95 -24.23 -15.44
C LEU A 191 -11.98 -23.42 -14.68
N GLN A 192 -11.90 -23.48 -13.36
CA GLN A 192 -12.85 -22.77 -12.51
CA GLN A 192 -12.86 -22.78 -12.50
C GLN A 192 -12.80 -21.27 -12.73
N VAL A 193 -13.95 -20.62 -12.59
CA VAL A 193 -14.05 -19.19 -12.79
C VAL A 193 -14.88 -18.59 -11.66
N GLU A 194 -14.47 -17.42 -11.19
CA GLU A 194 -15.20 -16.76 -10.10
C GLU A 194 -16.47 -16.09 -10.61
N SER A 195 -17.43 -15.88 -9.71
CA SER A 195 -18.65 -15.16 -10.05
C SER A 195 -18.35 -13.68 -10.31
N ALA A 196 -19.23 -13.00 -11.03
CA ALA A 196 -19.06 -11.58 -11.28
C ALA A 196 -19.05 -10.81 -9.96
N ASN A 197 -18.10 -9.89 -9.84
CA ASN A 197 -17.95 -9.08 -8.65
C ASN A 197 -19.13 -8.14 -8.44
N LEU A 198 -19.49 -7.90 -7.18
CA LEU A 198 -20.49 -6.87 -6.86
C LEU A 198 -19.79 -5.71 -6.17
N MET A 199 -20.22 -4.49 -6.49
CA MET A 199 -19.67 -3.31 -5.84
C MET A 199 -20.03 -3.30 -4.36
N LEU A 200 -19.06 -2.98 -3.50
CA LEU A 200 -19.30 -3.02 -2.05
C LEU A 200 -19.93 -1.72 -1.59
N SER A 201 -21.26 -1.74 -1.46
CA SER A 201 -22.02 -0.53 -1.16
C SER A 201 -21.58 0.17 0.12
N ASP A 202 -21.24 -0.61 1.15
CA ASP A 202 -20.82 -0.01 2.41
C ASP A 202 -19.61 0.89 2.16
N ASN A 203 -18.71 0.42 1.31
CA ASN A 203 -17.49 1.15 1.03
C ASN A 203 -17.75 2.39 0.17
N VAL A 204 -18.68 2.25 -0.77
CA VAL A 204 -19.04 3.41 -1.59
C VAL A 204 -19.63 4.51 -0.68
N VAL A 205 -20.45 4.12 0.29
CA VAL A 205 -21.01 5.12 1.20
C VAL A 205 -19.88 5.85 1.96
N ALA A 206 -18.93 5.08 2.46
CA ALA A 206 -17.80 5.68 3.17
C ALA A 206 -17.03 6.66 2.27
N PHE A 207 -16.79 6.25 1.03
CA PHE A 207 -16.12 7.08 0.02
C PHE A 207 -16.85 8.40 -0.21
N LEU A 208 -18.18 8.35 -0.35
CA LEU A 208 -18.95 9.57 -0.57
C LEU A 208 -18.91 10.50 0.65
N TYR A 209 -18.88 9.95 1.86
CA TYR A 209 -18.68 10.79 3.04
C TYR A 209 -17.33 11.49 2.99
N ALA A 210 -16.28 10.76 2.61
CA ALA A 210 -14.96 11.35 2.51
C ALA A 210 -14.98 12.49 1.50
N ALA A 211 -15.71 12.29 0.40
CA ALA A 211 -15.82 13.31 -0.65
C ALA A 211 -16.47 14.56 -0.08
N LEU A 212 -17.57 14.39 0.65
CA LEU A 212 -18.26 15.53 1.25
C LEU A 212 -17.38 16.31 2.21
N LEU A 213 -16.56 15.60 2.97
CA LEU A 213 -15.70 16.24 3.96
C LEU A 213 -14.57 16.99 3.28
N ASN A 214 -14.38 16.76 1.99
CA ASN A 214 -13.40 17.48 1.20
C ASN A 214 -14.03 18.59 0.34
N GLY A 215 -15.34 18.81 0.52
CA GLY A 215 -16.04 19.87 -0.17
C GLY A 215 -16.58 19.47 -1.54
N CYS A 216 -16.52 18.19 -1.84
CA CYS A 216 -17.01 17.69 -3.13
C CYS A 216 -18.44 17.20 -2.96
N ARG A 217 -19.41 17.95 -3.48
CA ARG A 217 -20.81 17.63 -3.21
C ARG A 217 -21.73 17.83 -4.41
N TRP A 218 -21.15 18.01 -5.59
CA TRP A 218 -21.94 18.28 -6.79
C TRP A 218 -22.92 17.15 -7.10
N TRP A 219 -22.58 15.95 -6.62
CA TRP A 219 -23.29 14.71 -6.97
C TRP A 219 -24.43 14.36 -6.03
N LEU A 220 -24.61 15.13 -4.95
CA LEU A 220 -25.65 14.82 -3.99
C LEU A 220 -27.02 14.80 -4.65
N CYS A 221 -27.82 13.81 -4.27
CA CYS A 221 -29.15 13.62 -4.84
CA CYS A 221 -29.16 13.66 -4.82
C CYS A 221 -30.21 13.79 -3.76
N SER A 222 -31.32 14.43 -4.12
CA SER A 222 -32.40 14.71 -3.18
C SER A 222 -33.58 13.74 -3.26
N THR A 223 -33.44 12.65 -4.00
CA THR A 223 -34.53 11.68 -4.07
C THR A 223 -34.65 10.89 -2.77
N ARG A 224 -35.84 10.37 -2.54
CA ARG A 224 -36.12 9.58 -1.33
C ARG A 224 -35.87 8.11 -1.58
N VAL A 225 -34.99 7.51 -0.79
CA VAL A 225 -34.83 6.07 -0.82
C VAL A 225 -34.53 5.61 0.59
N ASN A 226 -34.99 4.42 0.93
CA ASN A 226 -34.63 3.85 2.22
C ASN A 226 -33.75 2.63 2.01
N VAL A 227 -33.25 2.06 3.11
CA VAL A 227 -32.34 0.93 3.00
C VAL A 227 -32.98 -0.23 2.25
N ASP A 228 -34.22 -0.55 2.57
CA ASP A 228 -34.88 -1.67 1.90
C ASP A 228 -34.97 -1.43 0.39
N GLY A 229 -35.34 -0.23 0.01
CA GLY A 229 -35.46 0.14 -1.38
C GLY A 229 -34.11 0.09 -2.10
N PHE A 230 -33.09 0.65 -1.46
CA PHE A 230 -31.76 0.61 -2.02
C PHE A 230 -31.31 -0.83 -2.23
N ASN A 231 -31.53 -1.68 -1.23
CA ASN A 231 -31.06 -3.05 -1.32
C ASN A 231 -31.73 -3.79 -2.46
N GLU A 232 -33.00 -3.46 -2.74
CA GLU A 232 -33.67 -4.06 -3.90
C GLU A 232 -33.05 -3.57 -5.21
N TRP A 233 -32.74 -2.27 -5.27
CA TRP A 233 -32.06 -1.68 -6.42
C TRP A 233 -30.67 -2.31 -6.59
N ALA A 234 -29.99 -2.52 -5.48
CA ALA A 234 -28.63 -3.05 -5.51
C ALA A 234 -28.59 -4.42 -6.18
N MET A 235 -29.52 -5.28 -5.78
CA MET A 235 -29.59 -6.66 -6.29
C MET A 235 -29.78 -6.63 -7.81
N ALA A 236 -30.41 -5.58 -8.30
CA ALA A 236 -30.73 -5.47 -9.72
C ALA A 236 -29.62 -4.81 -10.52
N ASN A 237 -28.64 -4.24 -9.82
CA ASN A 237 -27.64 -3.40 -10.48
C ASN A 237 -26.18 -3.70 -10.14
N GLY A 238 -25.92 -4.87 -9.56
CA GLY A 238 -24.55 -5.32 -9.36
C GLY A 238 -23.90 -4.73 -8.13
N TYR A 239 -24.70 -4.37 -7.14
CA TYR A 239 -24.21 -3.83 -5.88
C TYR A 239 -24.62 -4.72 -4.73
N THR A 240 -23.83 -4.72 -3.65
CA THR A 240 -24.24 -5.41 -2.43
C THR A 240 -25.30 -4.60 -1.70
N SER A 241 -25.98 -5.24 -0.76
CA SER A 241 -26.84 -4.48 0.14
C SER A 241 -25.97 -3.58 1.01
N VAL A 242 -26.55 -2.48 1.48
CA VAL A 242 -25.89 -1.73 2.55
C VAL A 242 -26.22 -2.44 3.86
N SER A 243 -25.22 -2.59 4.72
CA SER A 243 -25.35 -3.45 5.90
C SER A 243 -26.23 -2.82 6.98
N SER A 244 -25.95 -1.56 7.28
CA SER A 244 -26.69 -0.83 8.29
C SER A 244 -26.35 0.65 8.13
N VAL A 245 -26.95 1.49 8.96
CA VAL A 245 -26.81 2.93 8.80
C VAL A 245 -26.14 3.60 10.00
N GLU A 246 -26.46 3.13 11.20
CA GLU A 246 -26.04 3.86 12.41
C GLU A 246 -24.52 3.93 12.58
N CYS A 247 -23.81 2.95 12.04
CA CYS A 247 -22.36 2.91 12.17
C CYS A 247 -21.70 4.12 11.51
N TYR A 248 -22.43 4.76 10.58
CA TYR A 248 -21.91 5.92 9.87
C TYR A 248 -22.12 7.23 10.63
N SER A 249 -22.69 7.14 11.82
CA SER A 249 -23.07 8.33 12.59
C SER A 249 -21.98 9.40 12.72
N ILE A 250 -20.72 9.01 12.90
CA ILE A 250 -19.67 10.01 13.07
C ILE A 250 -19.55 10.89 11.82
N LEU A 251 -19.74 10.27 10.66
CA LEU A 251 -19.61 10.98 9.39
C LEU A 251 -20.90 11.70 9.03
N ALA A 252 -22.04 11.11 9.35
CA ALA A 252 -23.33 11.74 9.10
C ALA A 252 -23.44 13.04 9.88
N ALA A 253 -22.91 13.03 11.11
CA ALA A 253 -22.93 14.22 11.96
C ALA A 253 -22.00 15.30 11.45
N LYS A 254 -20.80 14.93 11.04
CA LYS A 254 -19.84 15.91 10.51
C LYS A 254 -20.31 16.57 9.23
N THR A 255 -21.13 15.86 8.44
CA THR A 255 -21.52 16.36 7.12
C THR A 255 -22.96 16.86 7.02
N GLY A 256 -23.81 16.46 7.96
CA GLY A 256 -25.22 16.79 7.90
C GLY A 256 -25.96 16.01 6.81
N VAL A 257 -25.34 14.94 6.32
CA VAL A 257 -25.92 14.13 5.25
C VAL A 257 -26.18 12.70 5.70
N SER A 258 -27.40 12.24 5.51
CA SER A 258 -27.79 10.91 5.98
C SER A 258 -27.30 9.82 5.03
N VAL A 259 -27.13 8.62 5.55
CA VAL A 259 -26.76 7.49 4.70
C VAL A 259 -27.79 7.33 3.57
N GLU A 260 -29.08 7.51 3.89
CA GLU A 260 -30.12 7.37 2.88
C GLU A 260 -29.96 8.37 1.73
N GLN A 261 -29.48 9.58 2.02
CA GLN A 261 -29.21 10.52 0.94
C GLN A 261 -28.04 10.04 0.10
N LEU A 262 -27.05 9.42 0.73
CA LEU A 262 -25.95 8.86 -0.07
C LEU A 262 -26.41 7.67 -0.90
N LEU A 263 -27.33 6.87 -0.37
CA LEU A 263 -27.86 5.74 -1.15
C LEU A 263 -28.56 6.25 -2.41
N ALA A 264 -29.35 7.31 -2.25
CA ALA A 264 -30.00 7.92 -3.40
C ALA A 264 -28.98 8.45 -4.40
N SER A 265 -27.88 9.01 -3.87
CA SER A 265 -26.82 9.54 -4.71
C SER A 265 -26.11 8.43 -5.49
N ILE A 266 -25.87 7.29 -4.86
CA ILE A 266 -25.30 6.13 -5.56
C ILE A 266 -26.19 5.75 -6.74
N GLN A 267 -27.49 5.70 -6.51
CA GLN A 267 -28.40 5.32 -7.58
C GLN A 267 -28.30 6.29 -8.76
N HIS A 268 -28.18 7.57 -8.45
CA HIS A 268 -28.08 8.58 -9.50
C HIS A 268 -26.76 8.48 -10.24
N LEU A 269 -25.68 8.26 -9.49
CA LEU A 269 -24.34 8.27 -10.06
C LEU A 269 -24.11 7.04 -10.92
N HIS A 270 -24.88 5.99 -10.67
CA HIS A 270 -24.88 4.81 -11.52
C HIS A 270 -25.16 5.17 -12.98
N GLU A 271 -25.90 6.25 -13.20
CA GLU A 271 -26.24 6.71 -14.54
C GLU A 271 -25.02 7.24 -15.31
N GLY A 272 -23.99 7.64 -14.56
CA GLY A 272 -22.79 8.23 -15.16
C GLY A 272 -22.35 9.48 -14.44
N PHE A 273 -21.07 9.83 -14.56
CA PHE A 273 -20.53 11.03 -13.91
C PHE A 273 -20.53 12.25 -14.84
N GLY A 274 -20.99 12.07 -16.07
CA GLY A 274 -21.10 13.19 -16.99
C GLY A 274 -19.82 14.01 -17.14
N GLY A 275 -18.68 13.33 -17.07
CA GLY A 275 -17.39 13.98 -17.27
C GLY A 275 -16.77 14.58 -16.02
N LYS A 276 -17.49 14.51 -14.91
CA LYS A 276 -16.99 15.07 -13.65
C LYS A 276 -16.27 13.99 -12.85
N ASN A 277 -15.67 14.38 -11.74
CA ASN A 277 -14.99 13.41 -10.89
C ASN A 277 -15.27 13.64 -9.43
N ILE A 278 -15.06 12.60 -8.62
CA ILE A 278 -15.19 12.70 -7.18
C ILE A 278 -13.85 12.29 -6.57
N LEU A 279 -13.16 13.26 -5.97
CA LEU A 279 -11.82 13.01 -5.41
C LEU A 279 -10.88 12.40 -6.44
N GLY A 280 -11.06 12.76 -7.72
CA GLY A 280 -10.23 12.22 -8.79
C GLY A 280 -10.74 10.96 -9.47
N TYR A 281 -11.76 10.33 -8.89
CA TYR A 281 -12.34 9.12 -9.45
C TYR A 281 -13.45 9.46 -10.44
N SER A 282 -13.47 8.75 -11.57
CA SER A 282 -14.46 9.00 -12.61
C SER A 282 -15.59 7.98 -12.59
N SER A 283 -15.57 7.12 -11.56
CA SER A 283 -16.63 6.16 -11.34
C SER A 283 -16.59 5.88 -9.84
N LEU A 284 -17.63 5.26 -9.32
CA LEU A 284 -17.72 5.10 -7.87
C LEU A 284 -16.60 4.21 -7.34
N CYS A 285 -16.07 4.58 -6.18
CA CYS A 285 -14.95 3.87 -5.59
C CYS A 285 -15.41 3.02 -4.40
N ASP A 286 -15.17 1.71 -4.47
CA ASP A 286 -15.52 0.82 -3.36
C ASP A 286 -14.27 0.25 -2.69
N GLU A 287 -13.17 0.99 -2.81
CA GLU A 287 -11.87 0.54 -2.31
C GLU A 287 -11.68 0.70 -0.79
N PHE A 288 -12.41 1.65 -0.21
CA PHE A 288 -12.19 2.07 1.18
C PHE A 288 -13.35 1.73 2.08
N THR A 289 -13.07 1.13 3.22
CA THR A 289 -14.10 0.82 4.19
C THR A 289 -14.37 2.03 5.07
N LEU A 290 -15.51 1.99 5.77
CA LEU A 290 -15.83 2.97 6.78
C LEU A 290 -14.70 3.11 7.80
N ALA A 291 -14.19 1.98 8.28
CA ALA A 291 -13.11 2.02 9.27
C ALA A 291 -11.90 2.75 8.69
N GLU A 292 -11.56 2.46 7.45
CA GLU A 292 -10.41 3.11 6.81
C GLU A 292 -10.62 4.62 6.68
N VAL A 293 -11.82 5.03 6.29
CA VAL A 293 -12.08 6.45 6.08
C VAL A 293 -11.99 7.18 7.42
N VAL A 294 -12.60 6.62 8.46
CA VAL A 294 -12.55 7.27 9.76
C VAL A 294 -11.12 7.29 10.32
N LYS A 295 -10.39 6.21 10.13
CA LYS A 295 -9.01 6.14 10.60
C LYS A 295 -8.16 7.20 9.91
N GLN A 296 -8.28 7.26 8.59
CA GLN A 296 -7.40 8.14 7.81
C GLN A 296 -7.74 9.60 7.95
N MET A 297 -9.00 9.89 8.24
CA MET A 297 -9.40 11.29 8.36
C MET A 297 -9.32 11.82 9.78
N TYR A 298 -9.57 10.94 10.75
CA TYR A 298 -9.70 11.39 12.14
C TYR A 298 -8.82 10.67 13.15
N GLY A 299 -8.14 9.62 12.71
CA GLY A 299 -7.18 8.93 13.56
C GLY A 299 -7.83 8.17 14.69
N VAL A 300 -9.09 7.79 14.52
CA VAL A 300 -9.78 7.03 15.56
C VAL A 300 -10.37 5.75 15.02
N ASN A 301 -10.66 4.83 15.92
CA ASN A 301 -11.34 3.60 15.58
C ASN A 301 -12.84 3.80 15.67
N LEU A 302 -13.60 2.84 15.15
CA LEU A 302 -15.06 2.90 15.22
C LEU A 302 -15.55 2.47 16.59
N SER B 1 0.07 -12.65 -12.17
CA SER B 1 -0.19 -11.41 -12.91
C SER B 1 -0.73 -10.34 -11.98
N GLY B 2 -1.08 -9.20 -12.56
CA GLY B 2 -1.58 -8.06 -11.79
C GLY B 2 -0.61 -6.89 -11.77
N LEU B 3 -1.12 -5.71 -11.43
CA LEU B 3 -0.25 -4.58 -11.09
C LEU B 3 -0.95 -3.83 -9.99
N LYS B 4 -0.25 -3.62 -8.89
CA LYS B 4 -0.84 -2.90 -7.77
C LYS B 4 0.21 -2.01 -7.14
N LYS B 5 -0.17 -0.79 -6.77
CA LYS B 5 0.79 0.07 -6.09
C LYS B 5 1.04 -0.55 -4.72
N MET B 6 2.28 -0.91 -4.45
CA MET B 6 2.63 -1.52 -3.18
C MET B 6 3.67 -0.70 -2.46
N ALA B 7 3.88 -1.02 -1.19
CA ALA B 7 5.03 -0.53 -0.48
C ALA B 7 6.02 -1.68 -0.34
N GLN B 8 7.30 -1.34 -0.26
CA GLN B 8 8.28 -2.32 0.16
C GLN B 8 8.05 -2.58 1.63
N PRO B 9 8.42 -3.77 2.11
CA PRO B 9 8.12 -4.11 3.52
C PRO B 9 8.76 -3.11 4.48
N SER B 10 8.11 -2.89 5.62
CA SER B 10 8.47 -1.77 6.49
C SER B 10 9.24 -2.14 7.75
N GLY B 11 9.44 -3.43 7.97
CA GLY B 11 10.03 -3.90 9.22
C GLY B 11 11.32 -3.19 9.63
N CYS B 12 12.28 -3.12 8.71
CA CYS B 12 13.58 -2.56 9.04
C CYS B 12 13.51 -1.08 9.37
N VAL B 13 12.49 -0.39 8.85
CA VAL B 13 12.32 1.04 9.13
C VAL B 13 11.52 1.26 10.42
N GLU B 14 10.54 0.40 10.68
CA GLU B 14 9.80 0.47 11.94
C GLU B 14 10.76 0.47 13.12
N ARG B 15 11.85 -0.29 12.99
CA ARG B 15 12.81 -0.42 14.08
C ARG B 15 13.64 0.85 14.32
N CYS B 16 13.48 1.83 13.45
CA CYS B 16 14.22 3.10 13.57
C CYS B 16 13.32 4.26 13.94
N VAL B 17 12.01 4.05 13.94
CA VAL B 17 11.10 5.15 14.27
C VAL B 17 11.01 5.37 15.77
N VAL B 18 11.14 6.62 16.19
CA VAL B 18 11.04 6.97 17.61
C VAL B 18 10.06 8.13 17.81
N ARG B 19 9.59 8.25 19.05
CA ARG B 19 8.75 9.36 19.48
C ARG B 19 9.66 10.46 19.98
N VAL B 20 9.48 11.67 19.45
CA VAL B 20 10.24 12.83 19.89
C VAL B 20 9.29 13.88 20.41
N CYS B 21 9.48 14.25 21.67
CA CYS B 21 8.63 15.24 22.31
CA CYS B 21 8.64 15.25 22.34
C CYS B 21 9.50 16.39 22.75
N TYR B 22 9.00 17.60 22.57
CA TYR B 22 9.62 18.79 23.13
C TYR B 22 8.47 19.59 23.72
N GLY B 23 8.46 19.75 25.04
CA GLY B 23 7.31 20.36 25.69
C GLY B 23 6.09 19.50 25.44
N SER B 24 5.00 20.10 24.98
CA SER B 24 3.77 19.37 24.70
C SER B 24 3.72 18.84 23.26
N THR B 25 4.67 19.24 22.43
CA THR B 25 4.65 18.88 21.02
C THR B 25 5.29 17.52 20.79
N VAL B 26 4.56 16.64 20.11
CA VAL B 26 5.06 15.31 19.85
C VAL B 26 5.08 15.07 18.35
N LEU B 27 6.17 14.49 17.86
CA LEU B 27 6.22 14.03 16.49
C LEU B 27 7.15 12.81 16.37
N ASN B 28 7.53 12.49 15.14
CA ASN B 28 8.31 11.28 14.89
C ASN B 28 9.74 11.62 14.49
N GLY B 29 10.67 10.78 14.90
CA GLY B 29 12.06 10.91 14.48
C GLY B 29 12.57 9.59 13.96
N VAL B 30 13.76 9.60 13.38
CA VAL B 30 14.37 8.39 12.84
C VAL B 30 15.72 8.20 13.51
N TRP B 31 15.89 7.05 14.15
CA TRP B 31 17.04 6.74 14.99
C TRP B 31 18.00 5.84 14.24
N LEU B 32 19.16 6.39 13.87
CA LEU B 32 20.18 5.66 13.12
C LEU B 32 21.50 5.85 13.84
N GLY B 33 22.16 4.76 14.23
CA GLY B 33 23.32 4.89 15.09
C GLY B 33 22.93 5.63 16.36
N ASP B 34 23.70 6.66 16.74
CA ASP B 34 23.36 7.41 17.94
C ASP B 34 22.75 8.77 17.65
N THR B 35 22.13 8.90 16.47
CA THR B 35 21.48 10.15 16.08
C THR B 35 20.02 9.96 15.75
N VAL B 36 19.18 10.83 16.27
CA VAL B 36 17.78 10.87 15.86
C VAL B 36 17.56 12.12 14.99
N THR B 37 17.05 11.93 13.78
CA THR B 37 16.72 13.05 12.92
C THR B 37 15.22 13.27 12.96
N CYS B 38 14.81 14.52 13.15
CA CYS B 38 13.38 14.84 13.15
C CYS B 38 13.18 16.26 12.63
N PRO B 39 11.94 16.58 12.23
CA PRO B 39 11.66 17.96 11.78
C PRO B 39 11.83 18.97 12.92
N ARG B 40 12.34 20.15 12.60
CA ARG B 40 12.57 21.16 13.62
C ARG B 40 11.27 21.73 14.16
N HIS B 41 10.16 21.41 13.49
CA HIS B 41 8.84 21.80 13.97
C HIS B 41 8.64 21.42 15.45
N VAL B 42 9.33 20.38 15.90
CA VAL B 42 9.15 19.89 17.27
C VAL B 42 9.48 20.95 18.32
N ILE B 43 10.33 21.92 17.98
CA ILE B 43 10.67 22.99 18.94
C ILE B 43 9.97 24.32 18.69
N ALA B 44 9.00 24.34 17.78
CA ALA B 44 8.23 25.56 17.53
C ALA B 44 7.37 25.90 18.74
N PRO B 45 7.27 27.20 19.08
CA PRO B 45 6.33 27.64 20.11
C PRO B 45 4.90 27.43 19.63
N SER B 46 3.96 27.31 20.56
CA SER B 46 2.56 27.21 20.20
C SER B 46 2.05 28.58 19.79
N THR B 47 1.82 28.76 18.50
CA THR B 47 1.47 30.08 17.99
C THR B 47 0.72 29.99 16.66
N THR B 48 0.19 31.12 16.21
CA THR B 48 -0.42 31.22 14.90
C THR B 48 0.40 32.18 14.05
N VAL B 49 1.37 32.84 14.66
CA VAL B 49 2.22 33.80 13.97
C VAL B 49 3.45 33.11 13.38
N LEU B 50 4.17 33.81 12.54
CA LEU B 50 5.40 33.30 11.93
C LEU B 50 6.39 32.81 12.98
N ILE B 51 6.95 31.63 12.74
CA ILE B 51 7.95 31.07 13.64
C ILE B 51 9.35 31.50 13.21
N ASP B 52 10.12 32.03 14.17
CA ASP B 52 11.53 32.33 13.96
C ASP B 52 12.32 31.14 14.50
N TYR B 53 12.69 30.21 13.62
CA TYR B 53 13.36 29.00 14.10
C TYR B 53 14.75 29.26 14.68
N ASP B 54 15.44 30.29 14.20
CA ASP B 54 16.74 30.62 14.78
C ASP B 54 16.58 31.01 16.23
N HIS B 55 15.54 31.78 16.53
CA HIS B 55 15.23 32.13 17.91
C HIS B 55 14.84 30.90 18.71
N ALA B 56 13.97 30.06 18.14
CA ALA B 56 13.52 28.88 18.86
C ALA B 56 14.70 27.97 19.20
N TYR B 57 15.65 27.86 18.29
CA TYR B 57 16.81 27.03 18.52
C TYR B 57 17.72 27.63 19.59
N SER B 58 17.89 28.95 19.56
CA SER B 58 18.72 29.64 20.54
C SER B 58 18.19 29.48 21.97
N THR B 59 16.88 29.37 22.12
CA THR B 59 16.26 29.25 23.44
C THR B 59 15.97 27.81 23.85
N MET B 60 16.34 26.86 22.98
CA MET B 60 16.10 25.45 23.25
C MET B 60 16.81 24.99 24.52
N ARG B 61 16.12 24.19 25.34
CA ARG B 61 16.74 23.55 26.49
C ARG B 61 16.63 22.04 26.35
N LEU B 62 17.77 21.36 26.45
CA LEU B 62 17.80 19.91 26.22
C LEU B 62 16.85 19.15 27.15
N HIS B 63 16.69 19.64 28.38
CA HIS B 63 15.86 18.95 29.36
C HIS B 63 14.40 18.83 28.92
N ASN B 64 13.97 19.71 28.02
CA ASN B 64 12.59 19.71 27.54
C ASN B 64 12.29 18.56 26.56
N PHE B 65 13.33 17.92 26.04
CA PHE B 65 13.15 16.79 25.13
C PHE B 65 12.81 15.50 25.86
N SER B 66 11.96 14.70 25.24
CA SER B 66 11.77 13.31 25.62
C SER B 66 11.79 12.48 24.34
N VAL B 67 12.73 11.53 24.26
CA VAL B 67 12.87 10.69 23.07
C VAL B 67 12.79 9.22 23.47
N SER B 68 11.98 8.44 22.77
CA SER B 68 11.82 7.05 23.15
C SER B 68 11.49 6.14 21.98
N HIS B 69 11.92 4.89 22.09
CA HIS B 69 11.55 3.83 21.16
C HIS B 69 10.88 2.71 21.95
N ASN B 70 9.56 2.60 21.82
CA ASN B 70 8.80 1.51 22.46
C ASN B 70 8.95 1.39 23.97
N GLY B 71 9.13 2.51 24.66
CA GLY B 71 9.29 2.46 26.11
C GLY B 71 10.75 2.43 26.51
N VAL B 72 11.63 2.37 25.51
CA VAL B 72 13.05 2.56 25.75
C VAL B 72 13.37 4.05 25.67
N PHE B 73 13.62 4.65 26.83
CA PHE B 73 13.94 6.07 26.93
C PHE B 73 15.37 6.32 26.46
N LEU B 74 15.54 7.31 25.58
CA LEU B 74 16.86 7.63 25.06
C LEU B 74 17.33 8.98 25.56
N GLY B 75 18.49 9.02 26.21
CA GLY B 75 18.99 10.26 26.77
C GLY B 75 19.52 11.20 25.70
N VAL B 76 19.13 12.46 25.77
CA VAL B 76 19.56 13.45 24.80
C VAL B 76 20.88 14.07 25.21
N VAL B 77 21.89 13.94 24.36
CA VAL B 77 23.23 14.46 24.65
C VAL B 77 23.43 15.86 24.04
N GLY B 78 22.89 16.08 22.85
CA GLY B 78 23.05 17.36 22.19
C GLY B 78 22.13 17.45 20.99
N VAL B 79 21.89 18.68 20.52
CA VAL B 79 21.02 18.89 19.37
C VAL B 79 21.60 19.97 18.48
N THR B 80 21.63 19.71 17.18
CA THR B 80 22.02 20.72 16.21
C THR B 80 20.91 20.85 15.18
N MET B 81 20.83 22.02 14.53
CA MET B 81 19.80 22.29 13.54
C MET B 81 20.43 22.34 12.15
N HIS B 82 19.82 21.64 11.21
CA HIS B 82 20.32 21.64 9.84
C HIS B 82 19.15 21.87 8.90
N GLY B 83 19.04 23.06 8.33
CA GLY B 83 17.88 23.36 7.51
C GLY B 83 16.61 23.10 8.31
N SER B 84 15.74 22.23 7.78
CA SER B 84 14.44 21.99 8.37
C SER B 84 14.43 20.80 9.34
N VAL B 85 15.60 20.25 9.64
CA VAL B 85 15.65 19.15 10.62
C VAL B 85 16.55 19.41 11.82
N LEU B 86 16.33 18.65 12.89
CA LEU B 86 17.24 18.63 14.02
C LEU B 86 17.96 17.29 13.98
N ARG B 87 19.22 17.29 14.37
CA ARG B 87 19.92 16.06 14.63
C ARG B 87 20.15 15.94 16.12
N ILE B 88 19.48 14.98 16.74
CA ILE B 88 19.52 14.83 18.19
C ILE B 88 20.47 13.69 18.51
N LYS B 89 21.59 14.01 19.14
CA LYS B 89 22.53 12.98 19.57
C LYS B 89 22.01 12.36 20.86
N VAL B 90 21.94 11.04 20.89
CA VAL B 90 21.39 10.32 22.04
C VAL B 90 22.42 9.39 22.63
N SER B 91 22.15 8.91 23.84
CA SER B 91 23.14 8.20 24.64
C SER B 91 23.28 6.73 24.26
N GLN B 92 22.43 6.26 23.35
CA GLN B 92 22.45 4.86 22.96
C GLN B 92 22.38 4.73 21.45
N SER B 93 23.14 3.79 20.89
CA SER B 93 23.08 3.52 19.45
C SER B 93 21.98 2.51 19.17
N ASN B 94 21.30 2.70 18.05
CA ASN B 94 20.27 1.79 17.61
C ASN B 94 20.95 0.54 17.04
N VAL B 95 20.92 -0.55 17.79
CA VAL B 95 21.57 -1.77 17.34
C VAL B 95 20.86 -2.43 16.16
N HIS B 96 19.68 -1.92 15.83
CA HIS B 96 18.95 -2.41 14.66
C HIS B 96 19.02 -1.42 13.50
N THR B 97 20.01 -0.53 13.52
CA THR B 97 20.22 0.33 12.36
C THR B 97 20.49 -0.53 11.14
N PRO B 98 19.67 -0.38 10.10
CA PRO B 98 19.90 -1.14 8.87
C PRO B 98 21.04 -0.56 8.04
N LYS B 99 21.64 -1.38 7.19
CA LYS B 99 22.56 -0.89 6.18
C LYS B 99 21.83 0.20 5.40
N HIS B 100 22.41 1.38 5.32
CA HIS B 100 21.66 2.51 4.78
C HIS B 100 22.54 3.59 4.18
N VAL B 101 21.89 4.44 3.38
CA VAL B 101 22.47 5.65 2.85
C VAL B 101 21.39 6.73 2.89
N PHE B 102 21.79 7.96 2.64
CA PHE B 102 20.81 9.02 2.45
C PHE B 102 20.77 9.37 0.98
N LYS B 103 19.56 9.57 0.46
CA LYS B 103 19.38 9.84 -0.95
C LYS B 103 18.36 10.94 -1.12
N THR B 104 18.70 11.92 -1.96
CA THR B 104 17.76 12.95 -2.34
C THR B 104 17.01 12.54 -3.59
N LEU B 105 15.68 12.49 -3.49
CA LEU B 105 14.81 12.07 -4.57
C LEU B 105 14.75 13.11 -5.69
N LYS B 106 14.45 12.65 -6.90
CA LYS B 106 14.12 13.53 -8.02
C LYS B 106 12.69 13.26 -8.46
N PRO B 107 12.03 14.25 -9.07
CA PRO B 107 10.67 14.02 -9.56
C PRO B 107 10.60 12.78 -10.45
N GLY B 108 9.56 11.98 -10.26
CA GLY B 108 9.38 10.75 -11.00
C GLY B 108 9.86 9.52 -10.25
N ASP B 109 10.60 9.72 -9.16
CA ASP B 109 11.08 8.63 -8.31
C ASP B 109 9.98 8.05 -7.44
N SER B 110 9.88 6.73 -7.40
CA SER B 110 8.98 6.06 -6.46
C SER B 110 9.70 5.83 -5.14
N PHE B 111 8.94 5.91 -4.05
CA PHE B 111 9.46 5.54 -2.75
C PHE B 111 8.33 5.14 -1.83
N ASN B 112 8.65 4.82 -0.58
CA ASN B 112 7.64 4.33 0.35
C ASN B 112 7.54 5.26 1.52
N ILE B 113 6.32 5.44 2.02
CA ILE B 113 6.10 6.23 3.23
C ILE B 113 5.64 5.33 4.37
N LEU B 114 6.28 5.45 5.52
CA LEU B 114 5.78 4.82 6.74
C LEU B 114 5.13 5.91 7.56
N ALA B 115 3.80 5.95 7.56
CA ALA B 115 3.05 6.98 8.30
C ALA B 115 3.05 6.61 9.75
N CYS B 116 3.55 7.51 10.58
CA CYS B 116 3.73 7.24 12.00
C CYS B 116 3.08 8.31 12.84
N TYR B 117 2.65 7.93 14.05
CA TYR B 117 2.08 8.87 14.98
C TYR B 117 2.62 8.57 16.36
N GLU B 118 3.13 9.61 17.03
CA GLU B 118 3.75 9.45 18.36
C GLU B 118 4.79 8.33 18.39
N GLY B 119 5.55 8.21 17.31
CA GLY B 119 6.66 7.27 17.24
C GLY B 119 6.27 5.84 16.90
N ILE B 120 5.02 5.65 16.50
CA ILE B 120 4.50 4.31 16.20
C ILE B 120 3.90 4.28 14.80
N ALA B 121 4.36 3.34 13.98
CA ALA B 121 3.87 3.23 12.60
C ALA B 121 2.41 2.79 12.54
N SER B 122 1.65 3.43 11.67
CA SER B 122 0.23 3.10 11.50
C SER B 122 -0.08 2.56 10.11
N GLY B 123 0.70 2.98 9.12
CA GLY B 123 0.42 2.53 7.76
C GLY B 123 1.63 2.67 6.87
N VAL B 124 1.65 1.92 5.77
CA VAL B 124 2.74 2.04 4.82
C VAL B 124 2.18 2.01 3.40
N PHE B 125 2.68 2.90 2.55
CA PHE B 125 2.19 3.01 1.18
C PHE B 125 3.24 3.54 0.25
N GLY B 126 3.11 3.19 -1.02
CA GLY B 126 4.01 3.71 -2.03
C GLY B 126 3.50 5.01 -2.62
N VAL B 127 4.45 5.88 -2.96
CA VAL B 127 4.15 7.16 -3.59
C VAL B 127 5.17 7.45 -4.67
N ASN B 128 4.96 8.51 -5.44
CA ASN B 128 5.89 8.90 -6.49
C ASN B 128 6.04 10.41 -6.40
N LEU B 129 7.27 10.91 -6.40
CA LEU B 129 7.51 12.35 -6.22
C LEU B 129 7.07 13.12 -7.47
N ARG B 130 6.20 14.09 -7.30
CA ARG B 130 5.69 14.86 -8.44
C ARG B 130 6.67 15.92 -8.91
N THR B 131 6.41 16.49 -10.09
CA THR B 131 7.30 17.49 -10.68
C THR B 131 7.34 18.77 -9.85
N ASN B 132 6.32 19.00 -9.03
CA ASN B 132 6.32 20.17 -8.13
C ASN B 132 6.88 19.82 -6.76
N PHE B 133 7.53 18.67 -6.69
CA PHE B 133 8.24 18.23 -5.49
C PHE B 133 7.34 17.96 -4.29
N THR B 134 6.06 17.68 -4.57
CA THR B 134 5.14 17.28 -3.52
C THR B 134 4.73 15.84 -3.77
N ILE B 135 4.12 15.23 -2.75
CA ILE B 135 3.49 13.94 -2.91
C ILE B 135 2.03 14.01 -2.52
N LYS B 136 1.28 13.00 -2.97
CA LYS B 136 -0.11 12.86 -2.60
C LYS B 136 -0.20 11.67 -1.64
N GLY B 137 -0.14 11.95 -0.35
CA GLY B 137 -0.20 10.88 0.64
C GLY B 137 -1.48 10.90 1.43
N SER B 138 -1.41 10.31 2.61
CA SER B 138 -2.50 10.42 3.57
C SER B 138 -1.86 10.61 4.94
N PHE B 139 -2.02 11.82 5.49
CA PHE B 139 -1.41 12.21 6.76
C PHE B 139 -2.38 13.08 7.52
N ILE B 140 -2.48 12.90 8.82
CA ILE B 140 -3.20 13.84 9.65
C ILE B 140 -2.29 14.35 10.76
N ASN B 141 -2.85 15.15 11.66
CA ASN B 141 -2.04 15.78 12.69
C ASN B 141 -1.22 14.74 13.45
N GLY B 142 0.08 15.00 13.57
CA GLY B 142 0.96 14.12 14.30
C GLY B 142 1.88 13.32 13.39
N ALA B 143 1.63 13.39 12.09
CA ALA B 143 2.41 12.61 11.14
C ALA B 143 3.79 13.20 10.83
N CYS B 144 4.03 14.44 11.23
CA CYS B 144 5.30 15.10 10.99
CA CYS B 144 5.31 15.07 10.97
C CYS B 144 6.46 14.18 11.38
N GLY B 145 7.45 14.05 10.50
CA GLY B 145 8.59 13.17 10.75
C GLY B 145 8.46 11.76 10.22
N SER B 146 7.28 11.41 9.70
CA SER B 146 7.10 10.10 9.07
C SER B 146 8.14 9.93 7.97
N PRO B 147 8.88 8.81 7.99
CA PRO B 147 9.96 8.64 7.03
C PRO B 147 9.54 8.05 5.69
N GLY B 148 10.25 8.45 4.65
CA GLY B 148 10.15 7.81 3.36
C GLY B 148 11.46 7.13 3.05
N TYR B 149 11.38 6.00 2.34
CA TYR B 149 12.53 5.14 2.12
C TYR B 149 12.36 4.34 0.85
N ASN B 150 13.49 3.83 0.35
CA ASN B 150 13.50 2.87 -0.73
C ASN B 150 14.58 1.86 -0.40
N VAL B 151 14.29 0.58 -0.62
CA VAL B 151 15.26 -0.47 -0.34
C VAL B 151 15.90 -0.93 -1.65
N ARG B 152 17.22 -0.83 -1.74
CA ARG B 152 17.92 -1.26 -2.96
C ARG B 152 17.99 -2.79 -3.02
N ASN B 153 18.38 -3.32 -4.18
CA ASN B 153 18.48 -4.76 -4.34
C ASN B 153 19.44 -5.40 -3.34
N ASP B 154 20.57 -4.74 -3.09
CA ASP B 154 21.56 -5.28 -2.16
C ASP B 154 21.14 -5.09 -0.71
N GLY B 155 19.94 -4.56 -0.51
CA GLY B 155 19.37 -4.47 0.83
C GLY B 155 19.64 -3.15 1.53
N THR B 156 20.34 -2.25 0.86
CA THR B 156 20.65 -0.94 1.43
C THR B 156 19.38 -0.11 1.47
N VAL B 157 19.05 0.41 2.64
CA VAL B 157 17.89 1.29 2.79
C VAL B 157 18.30 2.71 2.47
N GLU B 158 17.63 3.32 1.49
CA GLU B 158 17.84 4.72 1.19
C GLU B 158 16.82 5.51 1.97
N PHE B 159 17.28 6.34 2.91
CA PHE B 159 16.38 7.24 3.61
C PHE B 159 16.28 8.53 2.83
N CYS B 160 15.07 8.86 2.40
CA CYS B 160 14.92 9.93 1.41
CA CYS B 160 14.86 9.89 1.37
C CYS B 160 13.95 11.03 1.77
N TYR B 161 13.10 10.80 2.75
CA TYR B 161 12.05 11.78 3.02
C TYR B 161 11.70 11.79 4.50
N LEU B 162 11.44 12.98 5.02
CA LEU B 162 10.85 13.15 6.34
C LEU B 162 9.65 14.05 6.18
N HIS B 163 8.48 13.59 6.60
CA HIS B 163 7.29 14.39 6.37
C HIS B 163 7.33 15.71 7.13
N GLN B 164 6.99 16.81 6.46
CA GLN B 164 7.07 18.12 7.12
C GLN B 164 5.71 18.78 7.31
N ILE B 165 4.94 18.91 6.23
CA ILE B 165 3.75 19.75 6.29
C ILE B 165 2.76 19.43 5.18
N GLU B 166 1.49 19.78 5.41
CA GLU B 166 0.49 19.71 4.37
C GLU B 166 0.08 21.13 4.00
N LEU B 167 0.15 21.44 2.72
CA LEU B 167 -0.25 22.75 2.24
C LEU B 167 -1.77 22.89 2.29
N GLY B 168 -2.24 24.14 2.23
CA GLY B 168 -3.68 24.37 2.24
C GLY B 168 -4.38 23.61 1.14
N SER B 169 -3.65 23.34 0.06
CA SER B 169 -4.17 22.64 -1.10
C SER B 169 -4.38 21.15 -0.86
N GLY B 170 -3.70 20.63 0.16
CA GLY B 170 -3.74 19.22 0.46
C GLY B 170 -2.45 18.50 0.04
N ALA B 171 -1.59 19.20 -0.68
CA ALA B 171 -0.34 18.59 -1.12
C ALA B 171 0.58 18.36 0.06
N HIS B 172 1.36 17.27 -0.01
CA HIS B 172 2.27 16.93 1.08
C HIS B 172 3.72 17.22 0.77
N VAL B 173 4.36 17.88 1.73
CA VAL B 173 5.71 18.40 1.59
C VAL B 173 6.62 17.75 2.63
N GLY B 174 7.82 17.36 2.21
CA GLY B 174 8.79 16.77 3.10
C GLY B 174 10.19 17.30 2.87
N SER B 175 11.11 16.87 3.71
CA SER B 175 12.51 17.25 3.53
C SER B 175 13.33 16.00 3.31
N ASP B 176 14.56 16.18 2.84
CA ASP B 176 15.50 15.06 2.90
C ASP B 176 16.22 15.07 4.24
N PHE B 177 17.11 14.11 4.46
CA PHE B 177 17.75 13.99 5.77
C PHE B 177 18.86 15.01 5.99
N THR B 178 19.20 15.78 4.95
CA THR B 178 20.16 16.88 5.11
C THR B 178 19.44 18.11 5.63
N GLY B 179 18.11 18.07 5.64
CA GLY B 179 17.30 19.18 6.07
C GLY B 179 16.79 20.09 4.97
N SER B 180 17.14 19.82 3.72
CA SER B 180 16.59 20.59 2.60
C SER B 180 15.14 20.19 2.37
N VAL B 181 14.24 21.16 2.31
CA VAL B 181 12.86 20.84 1.98
C VAL B 181 12.73 20.60 0.49
N TYR B 182 12.10 19.49 0.11
CA TYR B 182 11.86 19.23 -1.31
C TYR B 182 11.02 20.37 -1.89
N GLY B 183 11.48 20.97 -2.97
CA GLY B 183 10.75 22.08 -3.58
C GLY B 183 11.00 23.42 -2.90
N ASN B 184 11.80 23.41 -1.83
CA ASN B 184 12.09 24.60 -1.05
C ASN B 184 10.86 25.34 -0.54
N PHE B 185 9.83 24.57 -0.19
CA PHE B 185 8.67 25.12 0.51
C PHE B 185 9.06 25.51 1.93
N ASP B 186 8.26 26.37 2.56
CA ASP B 186 8.48 26.72 3.97
C ASP B 186 8.00 25.60 4.86
N ASP B 187 8.78 25.28 5.92
CA ASP B 187 8.37 24.25 6.87
C ASP B 187 7.60 24.83 8.07
N GLN B 188 6.62 25.67 7.76
CA GLN B 188 5.67 26.13 8.77
C GLN B 188 4.42 26.62 8.03
N PRO B 189 3.31 26.79 8.77
CA PRO B 189 2.07 27.23 8.12
C PRO B 189 2.26 28.52 7.36
N SER B 190 1.67 28.57 6.17
CA SER B 190 1.81 29.72 5.28
C SER B 190 0.71 29.63 4.23
N LEU B 191 0.66 30.61 3.34
CA LEU B 191 -0.33 30.58 2.26
C LEU B 191 0.26 30.01 0.98
N GLN B 192 1.42 29.36 1.08
CA GLN B 192 2.08 28.83 -0.10
CA GLN B 192 2.09 28.81 -0.10
C GLN B 192 1.23 27.79 -0.80
N VAL B 193 1.27 27.81 -2.13
CA VAL B 193 0.55 26.87 -2.97
C VAL B 193 1.61 26.26 -3.90
N GLU B 194 1.52 24.96 -4.14
CA GLU B 194 2.44 24.32 -5.05
C GLU B 194 2.11 24.67 -6.50
N SER B 195 3.14 24.73 -7.35
CA SER B 195 2.94 24.93 -8.77
C SER B 195 2.21 23.73 -9.36
N ALA B 196 1.57 23.89 -10.52
CA ALA B 196 0.89 22.76 -11.14
C ALA B 196 1.87 21.64 -11.48
N ASN B 197 1.49 20.40 -11.23
CA ASN B 197 2.37 19.30 -11.61
C ASN B 197 2.14 18.92 -13.07
N LEU B 198 3.14 18.29 -13.66
CA LEU B 198 3.04 17.77 -15.02
C LEU B 198 2.88 16.26 -14.90
N MET B 199 2.06 15.67 -15.76
CA MET B 199 1.97 14.21 -15.82
C MET B 199 3.31 13.64 -16.28
N LEU B 200 3.80 12.61 -15.59
CA LEU B 200 5.10 12.03 -15.88
C LEU B 200 4.97 11.00 -16.98
N SER B 201 5.27 11.43 -18.20
CA SER B 201 5.00 10.63 -19.39
C SER B 201 5.70 9.27 -19.38
N ASP B 202 6.95 9.25 -18.95
CA ASP B 202 7.68 7.98 -18.86
C ASP B 202 6.94 6.97 -18.00
N ASN B 203 6.41 7.42 -16.88
CA ASN B 203 5.67 6.52 -15.99
C ASN B 203 4.35 6.06 -16.61
N VAL B 204 3.68 6.95 -17.35
CA VAL B 204 2.44 6.56 -17.99
C VAL B 204 2.69 5.48 -19.04
N VAL B 205 3.77 5.60 -19.79
CA VAL B 205 4.11 4.58 -20.78
C VAL B 205 4.33 3.23 -20.11
N ALA B 206 5.06 3.22 -19.00
CA ALA B 206 5.31 2.01 -18.23
C ALA B 206 3.99 1.39 -17.76
N PHE B 207 3.10 2.23 -17.26
CA PHE B 207 1.78 1.79 -16.82
C PHE B 207 0.94 1.17 -17.95
N LEU B 208 0.95 1.80 -19.11
CA LEU B 208 0.22 1.25 -20.26
C LEU B 208 0.79 -0.10 -20.73
N TYR B 209 2.10 -0.26 -20.69
CA TYR B 209 2.69 -1.57 -20.98
C TYR B 209 2.21 -2.62 -19.98
N ALA B 210 2.16 -2.23 -18.70
CA ALA B 210 1.65 -3.12 -17.67
C ALA B 210 0.22 -3.53 -17.97
N ALA B 211 -0.58 -2.57 -18.44
CA ALA B 211 -1.97 -2.87 -18.78
C ALA B 211 -2.05 -3.91 -19.89
N LEU B 212 -1.26 -3.70 -20.94
CA LEU B 212 -1.24 -4.63 -22.06
C LEU B 212 -0.88 -6.04 -21.60
N LEU B 213 0.13 -6.12 -20.73
CA LEU B 213 0.64 -7.40 -20.28
C LEU B 213 -0.34 -8.09 -19.34
N ASN B 214 -1.30 -7.33 -18.83
CA ASN B 214 -2.37 -7.87 -18.01
C ASN B 214 -3.69 -8.00 -18.77
N GLY B 215 -3.61 -7.92 -20.09
CA GLY B 215 -4.76 -8.18 -20.94
C GLY B 215 -5.74 -7.02 -21.10
N CYS B 216 -5.39 -5.86 -20.57
CA CYS B 216 -6.24 -4.67 -20.69
C CYS B 216 -5.78 -3.85 -21.89
N ARG B 217 -6.58 -3.83 -22.96
CA ARG B 217 -6.16 -3.15 -24.18
C ARG B 217 -7.27 -2.40 -24.93
N TRP B 218 -8.40 -2.18 -24.26
CA TRP B 218 -9.52 -1.47 -24.89
C TRP B 218 -9.15 -0.05 -25.35
N TRP B 219 -8.14 0.53 -24.72
CA TRP B 219 -7.76 1.93 -24.89
C TRP B 219 -6.72 2.11 -25.99
N LEU B 220 -6.22 1.01 -26.52
CA LEU B 220 -5.08 1.04 -27.43
C LEU B 220 -5.42 1.69 -28.78
N CYS B 221 -4.73 2.79 -29.07
CA CYS B 221 -4.90 3.56 -30.30
C CYS B 221 -4.35 2.80 -31.50
N SER B 222 -4.98 2.96 -32.66
CA SER B 222 -4.54 2.26 -33.86
C SER B 222 -3.40 2.99 -34.59
N THR B 223 -3.19 4.25 -34.24
CA THR B 223 -2.17 5.06 -34.89
C THR B 223 -0.90 5.21 -34.06
N ARG B 224 0.00 6.06 -34.53
CA ARG B 224 1.27 6.29 -33.87
C ARG B 224 1.62 7.76 -33.91
N VAL B 225 2.42 8.20 -32.95
CA VAL B 225 3.03 9.52 -33.03
C VAL B 225 4.47 9.37 -32.58
N ASN B 226 5.38 10.07 -33.25
CA ASN B 226 6.78 9.95 -32.89
C ASN B 226 7.10 10.72 -31.61
N VAL B 227 8.31 10.52 -31.11
CA VAL B 227 8.72 11.14 -29.85
C VAL B 227 8.73 12.66 -29.97
N ASP B 228 9.28 13.19 -31.06
CA ASP B 228 9.30 14.64 -31.26
C ASP B 228 7.90 15.23 -31.28
N GLY B 229 6.99 14.54 -31.95
CA GLY B 229 5.60 14.97 -32.05
C GLY B 229 4.90 14.95 -30.72
N PHE B 230 5.09 13.86 -29.97
CA PHE B 230 4.49 13.77 -28.66
C PHE B 230 5.03 14.88 -27.76
N ASN B 231 6.32 15.13 -27.85
CA ASN B 231 6.95 16.11 -26.97
C ASN B 231 6.46 17.52 -27.17
N GLU B 232 6.16 17.87 -28.42
CA GLU B 232 5.56 19.17 -28.69
C GLU B 232 4.14 19.23 -28.13
N TRP B 233 3.40 18.15 -28.28
CA TRP B 233 2.06 18.04 -27.72
C TRP B 233 2.10 18.11 -26.20
N ALA B 234 3.12 17.49 -25.61
CA ALA B 234 3.22 17.41 -24.15
C ALA B 234 3.39 18.80 -23.55
N MET B 235 4.21 19.62 -24.21
CA MET B 235 4.51 20.97 -23.73
C MET B 235 3.25 21.82 -23.70
N ALA B 236 2.28 21.47 -24.51
CA ALA B 236 1.03 22.22 -24.61
C ALA B 236 -0.06 21.62 -23.76
N ASN B 237 0.20 20.44 -23.19
CA ASN B 237 -0.85 19.70 -22.50
C ASN B 237 -0.52 19.21 -21.09
N GLY B 238 0.53 19.76 -20.50
CA GLY B 238 0.83 19.48 -19.10
C GLY B 238 1.44 18.11 -18.86
N TYR B 239 2.21 17.63 -19.84
CA TYR B 239 2.93 16.36 -19.73
C TYR B 239 4.43 16.63 -19.85
N THR B 240 5.24 15.80 -19.21
CA THR B 240 6.68 15.90 -19.35
C THR B 240 7.10 15.33 -20.69
N SER B 241 8.32 15.65 -21.13
CA SER B 241 8.84 15.10 -22.36
C SER B 241 9.25 13.65 -22.17
N VAL B 242 9.10 12.86 -23.22
CA VAL B 242 9.67 11.52 -23.25
C VAL B 242 11.01 11.62 -23.97
N SER B 243 12.02 10.98 -23.41
CA SER B 243 13.38 11.12 -23.93
C SER B 243 13.89 10.08 -24.92
N SER B 244 13.69 8.80 -24.59
CA SER B 244 14.24 7.71 -25.40
C SER B 244 13.30 6.51 -25.32
N VAL B 245 12.99 5.93 -26.48
CA VAL B 245 12.14 4.74 -26.52
C VAL B 245 12.94 3.48 -26.17
N GLU B 246 14.26 3.60 -26.16
CA GLU B 246 15.12 2.42 -26.04
C GLU B 246 14.99 1.65 -24.72
N CYS B 247 14.72 2.36 -23.62
CA CYS B 247 14.61 1.71 -22.33
C CYS B 247 13.38 0.81 -22.25
N TYR B 248 12.44 1.01 -23.17
CA TYR B 248 11.20 0.26 -23.18
C TYR B 248 11.28 -0.99 -24.04
N SER B 249 12.45 -1.22 -24.63
CA SER B 249 12.63 -2.32 -25.58
C SER B 249 12.07 -3.65 -25.09
N ILE B 250 12.36 -4.00 -23.84
CA ILE B 250 11.95 -5.26 -23.25
C ILE B 250 10.42 -5.44 -23.22
N LEU B 251 9.71 -4.38 -22.88
CA LEU B 251 8.25 -4.48 -22.83
C LEU B 251 7.62 -4.34 -24.22
N ALA B 252 8.23 -3.55 -25.10
CA ALA B 252 7.78 -3.44 -26.46
C ALA B 252 7.87 -4.82 -27.11
N ALA B 253 8.93 -5.54 -26.78
CA ALA B 253 9.14 -6.89 -27.33
C ALA B 253 8.14 -7.90 -26.79
N LYS B 254 7.82 -7.80 -25.51
CA LYS B 254 6.89 -8.74 -24.88
C LYS B 254 5.47 -8.55 -25.39
N THR B 255 5.12 -7.31 -25.74
CA THR B 255 3.74 -6.97 -26.08
C THR B 255 3.51 -6.82 -27.58
N GLY B 256 4.58 -6.61 -28.32
CA GLY B 256 4.48 -6.30 -29.73
C GLY B 256 3.92 -4.92 -30.03
N VAL B 257 3.95 -4.04 -29.03
CA VAL B 257 3.42 -2.68 -29.19
C VAL B 257 4.52 -1.65 -29.00
N SER B 258 4.65 -0.73 -29.94
CA SER B 258 5.73 0.24 -29.91
C SER B 258 5.38 1.37 -28.97
N VAL B 259 6.40 2.03 -28.47
CA VAL B 259 6.20 3.20 -27.62
C VAL B 259 5.38 4.25 -28.38
N GLU B 260 5.65 4.41 -29.67
CA GLU B 260 4.92 5.39 -30.49
C GLU B 260 3.42 5.14 -30.49
N GLN B 261 3.01 3.87 -30.44
CA GLN B 261 1.59 3.55 -30.39
C GLN B 261 1.01 3.93 -29.03
N LEU B 262 1.81 3.76 -27.97
CA LEU B 262 1.37 4.17 -26.64
C LEU B 262 1.27 5.68 -26.52
N LEU B 263 2.20 6.40 -27.14
CA LEU B 263 2.17 7.86 -27.12
C LEU B 263 0.92 8.40 -27.80
N ALA B 264 0.54 7.79 -28.93
CA ALA B 264 -0.68 8.19 -29.60
C ALA B 264 -1.90 7.89 -28.72
N SER B 265 -1.83 6.78 -27.99
CA SER B 265 -2.93 6.39 -27.10
C SER B 265 -3.09 7.42 -25.98
N ILE B 266 -1.96 7.87 -25.43
CA ILE B 266 -1.97 8.87 -24.37
C ILE B 266 -2.71 10.13 -24.83
N GLN B 267 -2.38 10.60 -26.02
CA GLN B 267 -3.04 11.78 -26.56
C GLN B 267 -4.55 11.63 -26.62
N HIS B 268 -5.03 10.43 -26.95
CA HIS B 268 -6.46 10.17 -27.04
C HIS B 268 -7.13 10.04 -25.67
N LEU B 269 -6.33 9.74 -24.65
CA LEU B 269 -6.86 9.38 -23.34
C LEU B 269 -6.65 10.45 -22.28
N HIS B 270 -5.95 11.53 -22.64
CA HIS B 270 -5.46 12.50 -21.66
C HIS B 270 -6.56 13.29 -20.96
N GLU B 271 -7.80 13.11 -21.38
CA GLU B 271 -8.91 13.81 -20.75
C GLU B 271 -9.77 12.87 -19.88
N GLY B 272 -9.49 11.57 -19.96
CA GLY B 272 -10.22 10.60 -19.16
C GLY B 272 -10.68 9.37 -19.93
N PHE B 273 -11.25 8.43 -19.19
CA PHE B 273 -11.68 7.14 -19.74
C PHE B 273 -13.19 7.05 -19.81
N GLY B 274 -13.87 8.13 -19.43
CA GLY B 274 -15.29 8.06 -19.18
C GLY B 274 -15.50 7.26 -17.91
N GLY B 275 -16.33 6.24 -17.97
CA GLY B 275 -16.60 5.40 -16.81
C GLY B 275 -15.74 4.16 -16.79
N LYS B 276 -14.86 4.03 -17.78
CA LYS B 276 -13.99 2.86 -17.88
C LYS B 276 -12.78 2.98 -16.95
N ASN B 277 -11.97 1.93 -16.89
CA ASN B 277 -10.76 1.98 -16.09
C ASN B 277 -9.63 1.16 -16.69
N ILE B 278 -8.41 1.49 -16.29
CA ILE B 278 -7.24 0.69 -16.64
C ILE B 278 -6.56 0.26 -15.34
N LEU B 279 -6.58 -1.04 -15.07
CA LEU B 279 -5.99 -1.58 -13.85
C LEU B 279 -6.56 -0.87 -12.61
N GLY B 280 -7.85 -0.57 -12.66
CA GLY B 280 -8.54 0.06 -11.55
C GLY B 280 -8.46 1.57 -11.48
N TYR B 281 -7.70 2.18 -12.39
CA TYR B 281 -7.55 3.64 -12.41
C TYR B 281 -8.56 4.30 -13.36
N SER B 282 -9.12 5.42 -12.90
CA SER B 282 -10.14 6.18 -13.65
C SER B 282 -9.55 7.03 -14.76
N SER B 283 -8.25 7.26 -14.69
CA SER B 283 -7.56 8.12 -15.63
C SER B 283 -6.11 7.67 -15.70
N LEU B 284 -5.35 8.24 -16.63
CA LEU B 284 -3.96 7.82 -16.82
C LEU B 284 -3.16 7.88 -15.54
N CYS B 285 -2.40 6.83 -15.28
CA CYS B 285 -1.64 6.73 -14.03
C CYS B 285 -0.15 6.95 -14.26
N ASP B 286 0.44 7.88 -13.50
CA ASP B 286 1.88 8.15 -13.62
C ASP B 286 2.63 7.85 -12.32
N GLU B 287 2.08 6.91 -11.55
CA GLU B 287 2.58 6.56 -10.22
C GLU B 287 3.63 5.45 -10.23
N PHE B 288 3.73 4.72 -11.34
CA PHE B 288 4.68 3.60 -11.45
C PHE B 288 5.83 3.95 -12.39
N THR B 289 7.04 3.59 -12.00
CA THR B 289 8.18 3.73 -12.90
C THR B 289 8.34 2.47 -13.73
N LEU B 290 9.09 2.59 -14.81
CA LEU B 290 9.38 1.42 -15.64
C LEU B 290 10.05 0.33 -14.80
N ALA B 291 11.05 0.71 -14.00
CA ALA B 291 11.75 -0.27 -13.17
C ALA B 291 10.76 -0.95 -12.22
N GLU B 292 9.86 -0.18 -11.66
CA GLU B 292 8.87 -0.69 -10.72
C GLU B 292 7.96 -1.72 -11.37
N VAL B 293 7.49 -1.42 -12.58
CA VAL B 293 6.62 -2.32 -13.34
C VAL B 293 7.36 -3.62 -13.68
N VAL B 294 8.60 -3.50 -14.15
CA VAL B 294 9.37 -4.69 -14.53
C VAL B 294 9.70 -5.54 -13.30
N LYS B 295 10.08 -4.89 -12.20
CA LYS B 295 10.37 -5.62 -10.97
C LYS B 295 9.15 -6.36 -10.47
N GLN B 296 8.01 -5.68 -10.48
CA GLN B 296 6.81 -6.26 -9.90
C GLN B 296 6.26 -7.39 -10.77
N MET B 297 6.29 -7.20 -12.09
CA MET B 297 5.68 -8.16 -13.02
C MET B 297 6.61 -9.28 -13.50
N TYR B 298 7.92 -9.08 -13.39
CA TYR B 298 8.87 -10.09 -13.87
C TYR B 298 9.96 -10.43 -12.86
N GLY B 299 9.99 -9.71 -11.74
CA GLY B 299 10.97 -9.98 -10.70
C GLY B 299 12.40 -9.71 -11.12
N VAL B 300 12.58 -8.81 -12.08
CA VAL B 300 13.93 -8.55 -12.59
C VAL B 300 14.27 -7.07 -12.61
N ASN B 301 15.46 -6.75 -13.11
CA ASN B 301 15.92 -5.37 -13.23
C ASN B 301 16.00 -4.95 -14.69
N LEU B 302 16.31 -3.67 -14.91
CA LEU B 302 16.37 -3.13 -16.27
C LEU B 302 17.73 -3.37 -16.90
C1 GOL C . -6.16 -3.45 6.93
O1 GOL C . -7.46 -4.01 6.85
C2 GOL C . -5.99 -2.21 6.06
O2 GOL C . -7.11 -1.35 6.16
C3 GOL C . -5.76 -2.60 4.61
O3 GOL C . -5.74 -1.43 3.81
C1 PEG D . 5.22 -19.47 20.99
O1 PEG D . 6.45 -18.88 20.54
C2 PEG D . 4.04 -18.75 20.37
O2 PEG D . 2.92 -19.66 20.36
C3 PEG D . 1.87 -19.19 19.53
C4 PEG D . 0.87 -20.33 19.30
O4 PEG D . 1.44 -21.29 18.40
C1 GOL E . -19.71 -0.63 7.42
O1 GOL E . -18.98 -1.53 6.62
C2 GOL E . -20.28 -1.40 8.60
O2 GOL E . -21.11 -2.42 8.10
C3 GOL E . -19.13 -2.03 9.37
O3 GOL E . -18.23 -1.01 9.78
C1 GOL F . 7.36 -2.96 -4.18
O1 GOL F . 8.53 -2.38 -4.74
C2 GOL F . 6.69 -3.88 -5.20
O2 GOL F . 6.37 -3.14 -6.37
C3 GOL F . 7.64 -5.02 -5.54
O3 GOL F . 6.92 -6.05 -6.19
C1 GOL G . 9.78 -9.94 -6.34
O1 GOL G . 10.53 -10.14 -7.52
C2 GOL G . 8.53 -9.13 -6.63
O2 GOL G . 8.88 -7.88 -7.20
C3 GOL G . 7.61 -9.86 -7.59
O3 GOL G . 6.41 -9.11 -7.72
C1 GOL H . 9.87 0.89 -4.32
O1 GOL H . 10.07 2.26 -4.56
C2 GOL H . 8.38 0.61 -4.24
O2 GOL H . 7.86 0.37 -5.53
C3 GOL H . 7.69 1.84 -3.67
O3 GOL H . 6.29 1.63 -3.70
#